data_7POX
#
_entry.id   7POX
#
_cell.length_a   41.640
_cell.length_b   76.440
_cell.length_c   147.790
_cell.angle_alpha   90.000
_cell.angle_beta   90.000
_cell.angle_gamma   90.000
#
_symmetry.space_group_name_H-M   'P 21 21 21'
#
loop_
_entity.id
_entity.type
_entity.pdbx_description
1 polymer 'Poly [ADP-ribose] polymerase tankyrase-2'
2 non-polymer N-[3-[5-(5-ethoxypyridin-2-yl)-4-(2-fluorophenyl)-1,2,4-triazol-3-yl]cyclobutyl]pyridine-2-carboxamide
3 water water
#
_entity_poly.entity_id   1
_entity_poly.type   'polypeptide(L)'
_entity_poly.pdbx_seq_one_letter_code
;SMLNTSGSGTILIDLSPDDKEFQSVEEEMQSTVREHRDGGHAGGIFNRYNILKIQKVCNKKLWERYTHRRKEVSEENHNH
ANERMLFHGSPFVNAIIHKGFDERHAYIGGMFGAGIYFAENSSKSNQYVYGIGGGTGCPVHKDRSCYICHRQLLFCRVTL
GKSFLQFSAMKMAHSPPGHHSVTGRPSVNGLALAEYVIYRGEQAYPEYLITYQIMRPEG
;
_entity_poly.pdbx_strand_id   AAA,BBB
#
# COMPACT_ATOMS: atom_id res chain seq x y z
N GLY A 9 16.47 17.40 24.31
CA GLY A 9 16.29 18.79 23.79
C GLY A 9 14.92 19.00 23.16
N THR A 10 13.86 18.49 23.81
CA THR A 10 12.44 18.64 23.37
C THR A 10 11.92 20.01 23.84
N ILE A 11 11.40 20.81 22.91
CA ILE A 11 10.73 22.11 23.18
C ILE A 11 9.30 22.02 22.66
N LEU A 12 8.31 22.32 23.52
CA LEU A 12 6.86 22.30 23.17
C LEU A 12 6.43 23.69 22.70
N ILE A 13 5.95 23.78 21.45
CA ILE A 13 5.37 25.03 20.86
C ILE A 13 3.85 24.96 21.01
N ASP A 14 3.30 25.77 21.93
CA ASP A 14 1.85 25.93 22.15
C ASP A 14 1.24 26.64 20.92
N LEU A 15 0.16 26.09 20.37
CA LEU A 15 -0.52 26.65 19.16
C LEU A 15 -1.79 27.41 19.60
N SER A 16 -1.96 28.62 19.08
CA SER A 16 -3.20 29.46 19.22
C SER A 16 -4.39 28.72 18.61
N PRO A 17 -5.58 28.72 19.25
CA PRO A 17 -6.79 28.18 18.62
C PRO A 17 -7.18 28.90 17.32
N ASP A 18 -6.58 30.07 17.08
CA ASP A 18 -6.81 30.92 15.88
C ASP A 18 -5.84 30.52 14.77
N ASP A 19 -4.93 29.58 15.02
CA ASP A 19 -3.88 29.13 14.07
C ASP A 19 -4.44 27.99 13.21
N LYS A 20 -4.21 28.07 11.89
CA LYS A 20 -4.71 27.09 10.88
C LYS A 20 -4.24 25.68 11.25
N GLU A 21 -3.00 25.57 11.75
CA GLU A 21 -2.35 24.30 12.16
C GLU A 21 -3.13 23.68 13.32
N PHE A 22 -3.53 24.50 14.29
CA PHE A 22 -4.36 24.11 15.46
C PHE A 22 -5.71 23.54 14.96
N GLN A 23 -6.40 24.32 14.11
CA GLN A 23 -7.76 24.00 13.60
C GLN A 23 -7.70 22.69 12.81
N SER A 24 -6.65 22.53 11.99
CA SER A 24 -6.37 21.31 11.19
C SER A 24 -6.34 20.10 12.12
N VAL A 25 -5.48 20.13 13.14
CA VAL A 25 -5.31 19.03 14.14
C VAL A 25 -6.59 18.89 14.96
N GLU A 26 -7.27 20.01 15.24
CA GLU A 26 -8.55 20.05 16.01
C GLU A 26 -9.63 19.29 15.23
N GLU A 27 -9.85 19.64 13.97
CA GLU A 27 -10.92 19.04 13.12
C GLU A 27 -10.59 17.55 12.90
N GLU A 28 -9.34 17.23 12.59
CA GLU A 28 -8.85 15.85 12.39
C GLU A 28 -9.12 15.04 13.66
N MET A 29 -8.90 15.65 14.83
CA MET A 29 -9.19 15.05 16.16
C MET A 29 -10.71 14.81 16.30
N GLN A 30 -11.53 15.82 15.99
CA GLN A 30 -13.00 15.85 16.27
C GLN A 30 -13.76 14.99 15.25
N SER A 31 -13.32 14.98 13.99
CA SER A 31 -14.05 14.40 12.83
C SER A 31 -13.84 12.89 12.74
N THR A 32 -12.84 12.36 13.45
CA THR A 32 -12.43 10.92 13.42
C THR A 32 -13.05 10.18 14.61
N VAL A 33 -13.82 10.88 15.45
CA VAL A 33 -14.55 10.28 16.60
C VAL A 33 -15.70 9.44 16.05
N ARG A 34 -15.75 8.15 16.42
CA ARG A 34 -16.88 7.21 16.13
C ARG A 34 -17.48 6.75 17.46
N GLU A 35 -18.58 5.99 17.40
CA GLU A 35 -19.32 5.45 18.57
C GLU A 35 -19.08 3.94 18.67
N HIS A 36 -18.97 3.42 19.90
CA HIS A 36 -18.66 2.00 20.21
C HIS A 36 -19.88 1.36 20.91
N PHE A 46 -19.39 9.85 25.30
CA PHE A 46 -19.06 11.18 24.72
C PHE A 46 -19.38 11.20 23.21
N ASN A 47 -19.37 12.38 22.62
CA ASN A 47 -19.68 12.64 21.17
C ASN A 47 -18.56 13.49 20.56
N ARG A 48 -18.31 14.65 21.17
CA ARG A 48 -17.26 15.63 20.80
C ARG A 48 -16.25 15.70 21.95
N TYR A 49 -15.07 16.28 21.71
CA TYR A 49 -14.03 16.53 22.74
C TYR A 49 -14.03 18.02 23.14
N ASN A 50 -13.50 18.29 24.33
CA ASN A 50 -13.07 19.66 24.75
C ASN A 50 -11.56 19.74 24.52
N ILE A 51 -11.15 20.23 23.34
CA ILE A 51 -9.72 20.46 22.98
C ILE A 51 -9.22 21.65 23.80
N LEU A 52 -8.27 21.40 24.71
CA LEU A 52 -7.74 22.43 25.64
C LEU A 52 -6.43 23.01 25.11
N LYS A 53 -5.49 22.13 24.75
CA LYS A 53 -4.11 22.50 24.35
C LYS A 53 -3.65 21.56 23.23
N ILE A 54 -3.23 22.12 22.10
CA ILE A 54 -2.50 21.39 21.02
C ILE A 54 -1.11 22.00 20.90
N GLN A 55 -0.09 21.24 21.31
CA GLN A 55 1.34 21.66 21.30
C GLN A 55 2.08 20.85 20.24
N LYS A 56 2.96 21.53 19.49
CA LYS A 56 3.91 20.90 18.55
C LYS A 56 5.11 20.38 19.35
N VAL A 57 5.62 19.20 19.01
CA VAL A 57 6.80 18.56 19.66
C VAL A 57 8.01 18.78 18.73
N CYS A 58 8.98 19.60 19.15
CA CYS A 58 10.16 20.00 18.35
C CYS A 58 11.44 19.48 19.02
N ASN A 59 11.89 18.28 18.61
CA ASN A 59 13.14 17.63 19.08
C ASN A 59 13.97 17.23 17.85
N LYS A 60 15.09 17.93 17.62
CA LYS A 60 15.90 17.78 16.37
C LYS A 60 16.42 16.34 16.26
N LYS A 61 16.77 15.70 17.38
CA LYS A 61 17.40 14.34 17.38
C LYS A 61 16.32 13.27 17.13
N LEU A 62 15.15 13.38 17.75
CA LEU A 62 14.01 12.46 17.51
C LEU A 62 13.52 12.59 16.06
N TRP A 63 13.72 13.76 15.44
CA TRP A 63 13.29 14.05 14.04
C TRP A 63 14.28 13.40 13.06
N GLU A 64 15.58 13.64 13.25
CA GLU A 64 16.66 13.12 12.36
C GLU A 64 16.67 11.59 12.44
N ARG A 65 16.32 11.05 13.61
CA ARG A 65 16.16 9.59 13.84
C ARG A 65 14.98 9.07 13.02
N TYR A 66 13.85 9.80 13.01
CA TYR A 66 12.63 9.42 12.26
C TYR A 66 12.92 9.45 10.76
N THR A 67 13.38 10.59 10.23
CA THR A 67 13.59 10.83 8.77
C THR A 67 14.61 9.81 8.22
N HIS A 68 15.69 9.54 8.97
CA HIS A 68 16.73 8.55 8.57
C HIS A 68 16.06 7.19 8.32
N ARG A 69 15.18 6.77 9.23
CA ARG A 69 14.45 5.49 9.14
C ARG A 69 13.42 5.57 8.01
N ARG A 70 12.76 6.72 7.87
CA ARG A 70 11.78 6.99 6.78
C ARG A 70 12.43 6.68 5.42
N LYS A 71 13.66 7.13 5.21
CA LYS A 71 14.39 6.95 3.92
C LYS A 71 14.75 5.47 3.72
N GLU A 72 15.19 4.78 4.78
CA GLU A 72 15.50 3.32 4.77
C GLU A 72 14.29 2.54 4.25
N VAL A 73 13.10 2.85 4.78
CA VAL A 73 11.82 2.15 4.43
C VAL A 73 11.43 2.49 2.99
N SER A 74 11.57 3.76 2.58
CA SER A 74 11.32 4.25 1.20
C SER A 74 12.05 3.36 0.18
N GLU A 75 13.37 3.18 0.39
CA GLU A 75 14.26 2.42 -0.54
C GLU A 75 13.86 0.94 -0.55
N GLU A 76 13.14 0.46 0.48
CA GLU A 76 12.68 -0.95 0.59
C GLU A 76 11.21 -1.08 0.17
N ASN A 77 10.61 -0.02 -0.38
CA ASN A 77 9.16 -0.01 -0.75
C ASN A 77 8.94 0.89 -1.97
N HIS A 78 9.79 0.75 -3.00
CA HIS A 78 9.64 1.40 -4.33
C HIS A 78 9.60 2.93 -4.17
N ASN A 79 10.47 3.50 -3.32
CA ASN A 79 10.63 4.95 -3.06
C ASN A 79 9.33 5.54 -2.51
N HIS A 80 8.65 4.80 -1.64
CA HIS A 80 7.38 5.19 -0.97
C HIS A 80 7.46 4.85 0.52
N ALA A 81 7.61 5.87 1.37
CA ALA A 81 7.62 5.74 2.85
C ALA A 81 6.28 5.17 3.32
N ASN A 82 5.20 5.49 2.62
CA ASN A 82 3.79 5.18 3.00
C ASN A 82 3.51 5.85 4.34
N GLU A 83 3.80 7.15 4.42
CA GLU A 83 3.65 7.98 5.65
C GLU A 83 2.17 8.31 5.84
N ARG A 84 1.72 8.31 7.10
CA ARG A 84 0.34 8.61 7.53
C ARG A 84 0.40 9.45 8.81
N MET A 85 -0.54 10.38 8.99
CA MET A 85 -0.79 11.05 10.29
C MET A 85 -1.79 10.18 11.07
N LEU A 86 -1.38 9.61 12.20
CA LEU A 86 -2.22 8.71 13.02
C LEU A 86 -2.15 9.12 14.49
N PHE A 87 -3.23 8.84 15.22
CA PHE A 87 -3.37 9.09 16.67
C PHE A 87 -2.72 7.93 17.43
N HIS A 88 -2.30 8.19 18.67
CA HIS A 88 -1.68 7.21 19.60
C HIS A 88 -2.07 7.54 21.04
N GLY A 89 -2.54 6.53 21.77
CA GLY A 89 -2.81 6.59 23.23
C GLY A 89 -2.03 5.53 23.97
N SER A 90 -1.42 5.88 25.10
CA SER A 90 -0.63 5.00 25.98
C SER A 90 -0.29 5.74 27.28
N PRO A 91 -0.09 5.03 28.41
CA PRO A 91 0.38 5.68 29.64
C PRO A 91 1.78 6.30 29.55
N PHE A 92 2.42 6.26 28.38
CA PHE A 92 3.85 6.61 28.18
C PHE A 92 4.01 7.94 27.44
N VAL A 93 2.91 8.64 27.15
CA VAL A 93 2.87 9.88 26.31
C VAL A 93 3.91 10.89 26.82
N ASN A 94 3.97 11.13 28.13
CA ASN A 94 4.84 12.15 28.76
C ASN A 94 6.31 11.79 28.50
N ALA A 95 6.65 10.50 28.52
CA ALA A 95 8.02 9.98 28.28
C ALA A 95 8.34 10.04 26.77
N ILE A 96 7.40 9.62 25.93
CA ILE A 96 7.55 9.53 24.45
C ILE A 96 8.03 10.87 23.89
N ILE A 97 7.42 11.98 24.31
CA ILE A 97 7.70 13.35 23.76
C ILE A 97 9.16 13.76 24.04
N HIS A 98 9.83 13.12 25.00
CA HIS A 98 11.22 13.44 25.41
C HIS A 98 12.21 12.39 24.88
N LYS A 99 11.86 11.10 24.94
CA LYS A 99 12.78 9.97 24.67
C LYS A 99 12.42 9.25 23.36
N GLY A 100 11.36 9.68 22.67
CA GLY A 100 10.88 9.05 21.42
C GLY A 100 10.18 7.74 21.68
N PHE A 101 9.45 7.23 20.67
CA PHE A 101 8.79 5.90 20.71
C PHE A 101 9.86 4.82 20.91
N ASP A 102 9.54 3.79 21.70
CA ASP A 102 10.48 2.73 22.12
C ASP A 102 9.73 1.38 22.14
N GLU A 103 10.00 0.52 21.16
CA GLU A 103 9.36 -0.81 20.98
C GLU A 103 9.67 -1.72 22.18
N ARG A 104 10.74 -1.45 22.92
CA ARG A 104 11.17 -2.24 24.10
C ARG A 104 10.05 -2.29 25.15
N HIS A 105 9.19 -1.28 25.19
CA HIS A 105 8.08 -1.13 26.17
C HIS A 105 6.76 -1.66 25.61
N ALA A 106 6.79 -2.41 24.50
CA ALA A 106 5.61 -3.06 23.89
C ALA A 106 5.02 -4.10 24.85
N TYR A 107 3.79 -4.54 24.58
CA TYR A 107 3.09 -5.60 25.36
C TYR A 107 3.22 -6.95 24.62
N ILE A 108 3.71 -7.96 25.33
CA ILE A 108 4.12 -9.29 24.78
C ILE A 108 2.90 -10.06 24.26
N GLY A 109 1.71 -9.81 24.81
CA GLY A 109 0.49 -10.62 24.56
C GLY A 109 -0.55 -9.90 23.68
N GLY A 110 -0.21 -8.75 23.10
CA GLY A 110 -1.12 -7.97 22.23
C GLY A 110 -1.67 -8.79 21.07
N MET A 111 -2.78 -8.35 20.47
CA MET A 111 -3.48 -9.06 19.35
C MET A 111 -2.56 -9.12 18.13
N PHE A 112 -1.74 -8.08 17.90
CA PHE A 112 -0.78 -7.98 16.77
C PHE A 112 0.65 -8.02 17.32
N GLY A 113 0.88 -8.82 18.36
CA GLY A 113 2.21 -9.06 18.96
C GLY A 113 2.73 -7.83 19.69
N ALA A 114 4.05 -7.74 19.83
CA ALA A 114 4.76 -6.69 20.58
C ALA A 114 5.13 -5.54 19.65
N GLY A 115 4.17 -4.66 19.36
CA GLY A 115 4.36 -3.45 18.55
C GLY A 115 3.69 -2.24 19.19
N ILE A 116 3.98 -1.04 18.66
CA ILE A 116 3.38 0.26 19.10
C ILE A 116 2.12 0.50 18.25
N TYR A 117 0.95 0.60 18.89
CA TYR A 117 -0.37 0.69 18.23
C TYR A 117 -0.70 2.15 17.92
N PHE A 118 -1.27 2.40 16.73
CA PHE A 118 -1.84 3.69 16.29
C PHE A 118 -3.24 3.43 15.72
N ALA A 119 -3.98 4.50 15.45
CA ALA A 119 -5.32 4.46 14.82
C ALA A 119 -5.59 5.77 14.08
N GLU A 120 -6.45 5.70 13.05
CA GLU A 120 -6.88 6.86 12.21
C GLU A 120 -8.12 7.50 12.83
N ASN A 121 -8.65 6.90 13.91
CA ASN A 121 -9.78 7.43 14.72
C ASN A 121 -9.25 7.80 16.11
N SER A 122 -9.30 9.09 16.46
CA SER A 122 -8.92 9.63 17.79
C SER A 122 -9.63 8.86 18.91
N SER A 123 -10.91 8.50 18.68
CA SER A 123 -11.78 7.79 19.66
C SER A 123 -11.24 6.38 19.94
N LYS A 124 -10.54 5.76 18.98
CA LYS A 124 -9.91 4.43 19.17
C LYS A 124 -8.72 4.56 20.13
N SER A 125 -7.79 5.47 19.81
CA SER A 125 -6.57 5.77 20.61
C SER A 125 -6.96 6.22 22.02
N ASN A 126 -8.08 6.95 22.14
CA ASN A 126 -8.60 7.48 23.44
C ASN A 126 -8.82 6.33 24.43
N GLN A 127 -9.11 5.12 23.93
CA GLN A 127 -9.36 3.91 24.76
C GLN A 127 -8.10 3.52 25.54
N TYR A 128 -6.91 3.67 24.93
CA TYR A 128 -5.62 3.15 25.46
C TYR A 128 -4.85 4.22 26.23
N VAL A 129 -5.51 5.32 26.61
CA VAL A 129 -4.88 6.48 27.33
C VAL A 129 -4.50 6.04 28.76
N TYR A 130 -5.39 5.33 29.44
CA TYR A 130 -5.23 4.87 30.85
C TYR A 130 -4.98 3.36 30.88
N GLY A 131 -4.02 2.89 30.08
CA GLY A 131 -3.66 1.48 29.93
C GLY A 131 -4.47 0.80 28.84
N ILE A 132 -5.05 -0.37 29.13
CA ILE A 132 -5.89 -1.17 28.18
C ILE A 132 -7.37 -0.83 28.44
N SER A 145 -14.04 6.66 32.61
CA SER A 145 -15.33 7.28 32.19
C SER A 145 -15.48 8.67 32.82
N CYS A 146 -14.37 9.35 33.09
CA CYS A 146 -14.29 10.61 33.89
C CYS A 146 -14.20 11.81 32.93
N TYR A 147 -15.01 12.84 33.17
CA TYR A 147 -15.10 14.07 32.33
C TYR A 147 -14.19 15.17 32.86
N ILE A 148 -13.71 15.02 34.10
CA ILE A 148 -12.99 16.08 34.87
C ILE A 148 -11.49 15.99 34.58
N CYS A 149 -10.91 14.78 34.68
CA CYS A 149 -9.47 14.51 34.47
C CYS A 149 -9.10 14.76 33.01
N HIS A 150 -8.08 15.59 32.77
CA HIS A 150 -7.53 15.93 31.43
C HIS A 150 -6.83 14.70 30.84
N ARG A 151 -7.06 14.42 29.56
CA ARG A 151 -6.41 13.32 28.80
C ARG A 151 -5.36 13.90 27.87
N GLN A 152 -4.45 13.05 27.37
CA GLN A 152 -3.45 13.41 26.35
C GLN A 152 -3.41 12.29 25.29
N LEU A 153 -3.50 12.68 24.02
CA LEU A 153 -3.23 11.82 22.84
C LEU A 153 -2.05 12.41 22.07
N LEU A 154 -1.39 11.59 21.25
CA LEU A 154 -0.35 12.02 20.31
C LEU A 154 -0.91 11.93 18.89
N PHE A 155 -0.67 12.96 18.07
CA PHE A 155 -0.95 12.94 16.61
C PHE A 155 0.39 12.92 15.88
N CYS A 156 0.73 11.75 15.31
CA CYS A 156 2.10 11.35 14.94
C CYS A 156 2.24 11.20 13.42
N ARG A 157 3.46 11.38 12.91
CA ARG A 157 3.90 10.88 11.57
C ARG A 157 4.40 9.45 11.74
N VAL A 158 3.69 8.49 11.13
CA VAL A 158 4.03 7.04 11.20
C VAL A 158 4.40 6.58 9.79
N THR A 159 5.61 6.05 9.62
CA THR A 159 6.06 5.34 8.39
C THR A 159 5.51 3.91 8.45
N LEU A 160 4.53 3.58 7.61
CA LEU A 160 3.94 2.22 7.51
C LEU A 160 4.76 1.37 6.54
N GLY A 161 5.39 1.99 5.55
CA GLY A 161 6.04 1.30 4.42
C GLY A 161 5.10 0.26 3.83
N LYS A 162 5.60 -0.95 3.57
CA LYS A 162 4.79 -2.08 3.05
C LYS A 162 4.06 -2.72 4.24
N SER A 163 2.79 -2.35 4.45
CA SER A 163 1.96 -2.79 5.60
C SER A 163 1.32 -4.15 5.29
N PHE A 164 1.53 -5.12 6.18
CA PHE A 164 0.92 -6.48 6.10
C PHE A 164 -0.48 -6.42 6.70
N LEU A 165 -1.50 -6.90 5.94
CA LEU A 165 -2.91 -6.95 6.39
C LEU A 165 -3.14 -8.27 7.16
N GLN A 166 -3.46 -8.17 8.46
CA GLN A 166 -3.65 -9.33 9.36
C GLN A 166 -5.14 -9.66 9.47
N MET A 172 3.39 -12.91 17.08
CA MET A 172 4.31 -12.12 16.21
C MET A 172 5.19 -11.20 17.08
N ALA A 173 6.44 -11.00 16.68
CA ALA A 173 7.48 -10.28 17.44
C ALA A 173 7.93 -9.03 16.69
N HIS A 174 8.28 -9.19 15.41
CA HIS A 174 8.74 -8.11 14.50
C HIS A 174 7.75 -7.98 13.33
N SER A 175 8.07 -7.12 12.35
CA SER A 175 7.39 -7.05 11.04
C SER A 175 7.57 -8.38 10.32
N PRO A 176 6.57 -8.87 9.54
CA PRO A 176 6.79 -10.02 8.67
C PRO A 176 7.86 -9.72 7.63
N PRO A 177 8.50 -10.75 7.03
CA PRO A 177 9.57 -10.51 6.05
C PRO A 177 9.08 -9.65 4.88
N GLY A 178 9.92 -8.73 4.41
CA GLY A 178 9.63 -7.82 3.29
C GLY A 178 8.73 -6.66 3.69
N HIS A 179 8.20 -6.66 4.92
CA HIS A 179 7.17 -5.71 5.42
C HIS A 179 7.74 -4.80 6.52
N HIS A 180 7.06 -3.68 6.81
CA HIS A 180 7.52 -2.62 7.75
C HIS A 180 6.48 -2.29 8.82
N SER A 181 5.22 -2.67 8.65
CA SER A 181 4.13 -2.41 9.62
C SER A 181 3.03 -3.48 9.49
N VAL A 182 2.06 -3.44 10.41
CA VAL A 182 0.83 -4.28 10.35
C VAL A 182 -0.39 -3.35 10.33
N THR A 183 -1.30 -3.58 9.39
CA THR A 183 -2.67 -3.00 9.35
C THR A 183 -3.65 -4.09 9.78
N GLY A 184 -4.45 -3.83 10.82
CA GLY A 184 -5.50 -4.72 11.32
C GLY A 184 -6.86 -4.06 11.24
N ARG A 185 -7.94 -4.84 11.37
CA ARG A 185 -9.34 -4.34 11.24
C ARG A 185 -10.27 -5.29 11.99
N PRO A 186 -10.11 -5.44 13.32
CA PRO A 186 -10.88 -6.42 14.09
C PRO A 186 -12.39 -6.13 14.11
N LEU A 191 -18.33 -3.32 15.33
CA LEU A 191 -17.73 -2.30 14.40
C LEU A 191 -16.36 -2.80 13.93
N ALA A 192 -15.86 -2.25 12.82
CA ALA A 192 -14.59 -2.63 12.16
C ALA A 192 -13.68 -1.40 12.02
N LEU A 193 -12.93 -1.08 13.09
CA LEU A 193 -12.05 0.12 13.17
C LEU A 193 -10.59 -0.28 12.86
N ALA A 194 -9.93 0.51 12.02
CA ALA A 194 -8.56 0.26 11.51
C ALA A 194 -7.52 0.56 12.60
N GLU A 195 -6.64 -0.40 12.89
CA GLU A 195 -5.46 -0.22 13.77
C GLU A 195 -4.18 -0.47 12.96
N TYR A 196 -3.12 0.25 13.30
CA TYR A 196 -1.80 0.19 12.63
C TYR A 196 -0.73 -0.03 13.70
N VAL A 197 0.13 -1.04 13.50
CA VAL A 197 1.18 -1.46 14.49
C VAL A 197 2.55 -1.39 13.82
N ILE A 198 3.52 -0.74 14.48
CA ILE A 198 4.96 -0.73 14.11
C ILE A 198 5.75 -1.44 15.21
N TYR A 199 6.91 -2.01 14.84
CA TYR A 199 7.74 -2.87 15.71
C TYR A 199 9.14 -2.27 15.84
N ARG A 200 9.29 -1.00 15.46
CA ARG A 200 10.54 -0.21 15.58
C ARG A 200 10.15 1.24 15.90
N GLY A 201 10.52 1.72 17.09
CA GLY A 201 10.15 3.03 17.63
C GLY A 201 10.44 4.18 16.67
N GLU A 202 11.51 4.06 15.87
CA GLU A 202 12.03 5.16 15.02
C GLU A 202 11.10 5.41 13.83
N GLN A 203 10.16 4.50 13.52
CA GLN A 203 9.22 4.64 12.38
C GLN A 203 8.01 5.53 12.73
N ALA A 204 7.96 6.10 13.94
CA ALA A 204 6.93 7.08 14.35
C ALA A 204 7.58 8.27 15.04
N TYR A 205 7.00 9.45 14.86
CA TYR A 205 7.42 10.72 15.51
C TYR A 205 6.19 11.39 16.12
N PRO A 206 6.19 11.68 17.45
CA PRO A 206 5.02 12.26 18.11
C PRO A 206 4.95 13.77 17.88
N GLU A 207 4.37 14.18 16.74
CA GLU A 207 4.45 15.57 16.23
C GLU A 207 3.60 16.52 17.08
N TYR A 208 2.35 16.14 17.38
CA TYR A 208 1.38 16.97 18.13
C TYR A 208 0.97 16.26 19.43
N LEU A 209 1.05 16.98 20.55
CA LEU A 209 0.53 16.58 21.88
C LEU A 209 -0.79 17.32 22.12
N ILE A 210 -1.91 16.59 22.15
CA ILE A 210 -3.29 17.15 22.33
C ILE A 210 -3.71 16.89 23.78
N THR A 211 -3.73 17.94 24.60
CA THR A 211 -4.36 17.97 25.95
C THR A 211 -5.84 18.31 25.76
N TYR A 212 -6.74 17.38 26.11
CA TYR A 212 -8.20 17.49 25.86
C TYR A 212 -8.98 16.81 27.00
N GLN A 213 -10.30 16.99 27.00
CA GLN A 213 -11.26 16.23 27.81
C GLN A 213 -12.34 15.67 26.87
N ILE A 214 -12.93 14.52 27.23
CA ILE A 214 -14.18 14.03 26.58
C ILE A 214 -15.33 14.88 27.13
N MET A 215 -16.16 15.44 26.25
CA MET A 215 -17.26 16.37 26.64
C MET A 215 -18.49 15.55 27.03
N ARG A 216 -19.09 15.88 28.17
CA ARG A 216 -20.33 15.24 28.68
C ARG A 216 -21.45 15.41 27.65
N PRO A 217 -22.11 14.32 27.21
CA PRO A 217 -23.34 14.44 26.42
C PRO A 217 -24.43 15.17 27.22
N GLU A 218 -24.97 16.26 26.65
CA GLU A 218 -25.86 17.23 27.34
C GLU A 218 -27.08 16.51 27.91
N GLY B 9 -3.07 3.13 -33.50
CA GLY B 9 -1.77 3.85 -33.68
C GLY B 9 -0.65 3.28 -32.81
N THR B 10 -0.54 1.96 -32.74
CA THR B 10 0.49 1.24 -31.93
C THR B 10 1.67 0.86 -32.83
N ILE B 11 2.89 1.05 -32.33
CA ILE B 11 4.17 0.63 -32.98
C ILE B 11 4.92 -0.29 -32.01
N LEU B 12 5.18 -1.53 -32.42
CA LEU B 12 5.91 -2.55 -31.62
C LEU B 12 7.39 -2.55 -32.01
N ILE B 13 8.26 -2.03 -31.13
CA ILE B 13 9.74 -1.98 -31.35
C ILE B 13 10.34 -3.30 -30.82
N ASP B 14 10.76 -4.17 -31.74
CA ASP B 14 11.41 -5.48 -31.44
C ASP B 14 12.74 -5.19 -30.73
N LEU B 15 12.92 -5.73 -29.53
CA LEU B 15 14.16 -5.54 -28.71
C LEU B 15 15.09 -6.74 -28.92
N SER B 16 16.36 -6.47 -29.20
CA SER B 16 17.44 -7.49 -29.31
C SER B 16 17.72 -8.06 -27.93
N PRO B 17 17.91 -9.39 -27.77
CA PRO B 17 18.32 -9.98 -26.49
C PRO B 17 19.64 -9.42 -25.94
N ASP B 18 20.41 -8.71 -26.76
CA ASP B 18 21.71 -8.07 -26.38
C ASP B 18 21.47 -6.71 -25.72
N ASP B 19 20.30 -6.09 -25.94
N ASP B 19 20.29 -6.11 -25.93
CA ASP B 19 19.90 -4.80 -25.31
CA ASP B 19 19.88 -4.82 -25.31
C ASP B 19 19.65 -5.04 -23.82
C ASP B 19 19.66 -5.06 -23.81
N LYS B 20 20.13 -4.13 -22.96
CA LYS B 20 20.04 -4.26 -21.48
C LYS B 20 18.60 -4.04 -21.02
N GLU B 21 17.78 -3.36 -21.83
CA GLU B 21 16.32 -3.16 -21.60
C GLU B 21 15.58 -4.50 -21.72
N PHE B 22 15.92 -5.30 -22.73
CA PHE B 22 15.41 -6.68 -22.96
C PHE B 22 15.74 -7.55 -21.76
N GLN B 23 17.01 -7.54 -21.33
CA GLN B 23 17.56 -8.40 -20.25
C GLN B 23 16.85 -8.08 -18.93
N SER B 24 16.73 -6.78 -18.61
CA SER B 24 16.08 -6.25 -17.37
C SER B 24 14.68 -6.85 -17.25
N VAL B 25 13.91 -6.83 -18.35
CA VAL B 25 12.52 -7.36 -18.43
C VAL B 25 12.58 -8.89 -18.38
N GLU B 26 13.52 -9.49 -19.11
CA GLU B 26 13.75 -10.96 -19.09
C GLU B 26 13.98 -11.40 -17.65
N GLU B 27 14.89 -10.71 -16.94
CA GLU B 27 15.33 -11.08 -15.57
C GLU B 27 14.15 -10.93 -14.61
N GLU B 28 13.41 -9.83 -14.70
CA GLU B 28 12.21 -9.55 -13.86
C GLU B 28 11.16 -10.64 -14.11
N MET B 29 11.00 -11.05 -15.37
CA MET B 29 10.09 -12.15 -15.79
C MET B 29 10.49 -13.45 -15.09
N GLN B 30 11.77 -13.82 -15.16
CA GLN B 30 12.30 -15.13 -14.66
C GLN B 30 12.38 -15.13 -13.13
N SER B 31 12.87 -14.05 -12.52
CA SER B 31 13.19 -13.95 -11.07
C SER B 31 11.93 -14.02 -10.20
N THR B 32 10.78 -13.60 -10.73
CA THR B 32 9.51 -13.42 -9.98
C THR B 32 8.64 -14.69 -10.02
N VAL B 33 9.12 -15.75 -10.67
CA VAL B 33 8.40 -17.06 -10.77
C VAL B 33 8.32 -17.68 -9.38
N ARG B 34 7.18 -18.29 -9.04
CA ARG B 34 6.94 -18.94 -7.73
C ARG B 34 6.29 -20.31 -7.94
N GLU B 35 6.38 -21.18 -6.93
CA GLU B 35 5.86 -22.58 -6.95
C GLU B 35 4.41 -22.57 -6.44
N HIS B 36 3.47 -22.15 -7.30
CA HIS B 36 2.01 -22.19 -7.03
C HIS B 36 1.64 -23.62 -6.61
N ARG B 37 0.96 -23.77 -5.47
CA ARG B 37 0.67 -25.09 -4.84
C ARG B 37 -0.65 -25.66 -5.39
N ASP B 38 -0.92 -25.45 -6.69
CA ASP B 38 -2.09 -25.99 -7.42
C ASP B 38 -1.64 -27.14 -8.33
N GLY B 39 -0.39 -27.61 -8.16
CA GLY B 39 0.22 -28.67 -8.97
C GLY B 39 0.24 -28.33 -10.45
N GLY B 40 0.40 -27.04 -10.76
CA GLY B 40 0.40 -26.51 -12.14
C GLY B 40 -0.96 -26.64 -12.82
N HIS B 41 -2.05 -26.53 -12.05
CA HIS B 41 -3.44 -26.69 -12.56
C HIS B 41 -3.78 -25.57 -13.55
N ALA B 42 -3.54 -24.31 -13.18
CA ALA B 42 -3.91 -23.12 -13.96
C ALA B 42 -2.75 -22.71 -14.88
N GLY B 43 -1.53 -22.67 -14.36
CA GLY B 43 -0.34 -22.10 -15.03
C GLY B 43 0.59 -23.14 -15.64
N GLY B 44 0.42 -24.42 -15.30
CA GLY B 44 1.32 -25.51 -15.75
C GLY B 44 2.55 -25.62 -14.87
N ILE B 45 3.26 -26.75 -14.94
CA ILE B 45 4.50 -27.02 -14.15
C ILE B 45 5.68 -26.33 -14.86
N PHE B 46 6.41 -25.47 -14.15
CA PHE B 46 7.62 -24.75 -14.65
C PHE B 46 8.26 -23.96 -13.51
N ASN B 47 9.58 -23.72 -13.59
CA ASN B 47 10.35 -22.83 -12.68
C ASN B 47 11.11 -21.78 -13.49
N ARG B 48 11.18 -21.94 -14.81
CA ARG B 48 11.75 -20.93 -15.76
CA ARG B 48 11.75 -20.93 -15.76
C ARG B 48 10.81 -20.82 -16.97
N TYR B 49 11.06 -19.84 -17.84
CA TYR B 49 10.36 -19.64 -19.14
C TYR B 49 11.35 -19.73 -20.29
N ASN B 50 10.85 -20.05 -21.49
CA ASN B 50 11.58 -19.84 -22.77
C ASN B 50 11.12 -18.49 -23.33
N ILE B 51 11.88 -17.43 -23.07
CA ILE B 51 11.59 -16.06 -23.56
C ILE B 51 11.89 -16.01 -25.06
N LEU B 52 10.86 -15.89 -25.89
CA LEU B 52 10.97 -15.87 -27.37
C LEU B 52 11.21 -14.43 -27.85
N LYS B 53 10.34 -13.50 -27.47
CA LYS B 53 10.40 -12.09 -27.94
C LYS B 53 9.87 -11.14 -26.87
N ILE B 54 10.54 -9.99 -26.70
CA ILE B 54 10.12 -8.85 -25.85
C ILE B 54 10.00 -7.61 -26.75
N GLN B 55 8.78 -7.07 -26.88
CA GLN B 55 8.44 -5.93 -27.77
C GLN B 55 8.03 -4.73 -26.93
N LYS B 56 8.69 -3.58 -27.15
CA LYS B 56 8.32 -2.27 -26.54
C LYS B 56 7.07 -1.75 -27.26
N VAL B 57 6.09 -1.26 -26.49
CA VAL B 57 4.79 -0.75 -27.01
C VAL B 57 4.81 0.79 -26.96
N CYS B 58 5.01 1.44 -28.11
CA CYS B 58 4.93 2.92 -28.25
CA CYS B 58 4.95 2.92 -28.27
C CYS B 58 3.59 3.30 -28.89
N ASN B 59 2.74 3.98 -28.11
CA ASN B 59 1.41 4.48 -28.55
C ASN B 59 1.15 5.82 -27.86
N LYS B 60 1.39 6.92 -28.57
CA LYS B 60 1.42 8.30 -28.01
C LYS B 60 0.08 8.63 -27.33
N LYS B 61 -1.04 8.15 -27.87
CA LYS B 61 -2.41 8.42 -27.32
C LYS B 61 -2.60 7.65 -26.01
N LEU B 62 -2.31 6.34 -25.99
CA LEU B 62 -2.45 5.51 -24.77
C LEU B 62 -1.49 6.01 -23.68
N TRP B 63 -0.33 6.53 -24.06
CA TRP B 63 0.68 7.10 -23.12
C TRP B 63 0.15 8.39 -22.48
N GLU B 64 -0.47 9.26 -23.29
CA GLU B 64 -1.00 10.57 -22.85
C GLU B 64 -2.23 10.35 -21.98
N ARG B 65 -3.05 9.35 -22.31
CA ARG B 65 -4.22 8.91 -21.49
C ARG B 65 -3.72 8.48 -20.11
N TYR B 66 -2.59 7.74 -20.06
CA TYR B 66 -2.00 7.21 -18.80
C TYR B 66 -1.46 8.36 -17.92
N THR B 67 -0.59 9.21 -18.47
CA THR B 67 0.14 10.25 -17.70
C THR B 67 -0.81 11.36 -17.26
N HIS B 68 -1.86 11.64 -18.03
CA HIS B 68 -2.95 12.59 -17.66
C HIS B 68 -3.66 12.11 -16.39
N ARG B 69 -3.96 10.81 -16.32
CA ARG B 69 -4.57 10.16 -15.13
C ARG B 69 -3.56 10.17 -13.98
N ARG B 70 -2.30 9.82 -14.27
CA ARG B 70 -1.21 9.74 -13.26
C ARG B 70 -1.08 11.08 -12.52
N LYS B 71 -1.14 12.20 -13.24
CA LYS B 71 -1.11 13.57 -12.67
C LYS B 71 -2.28 13.74 -11.69
N GLU B 72 -3.50 13.40 -12.11
CA GLU B 72 -4.73 13.49 -11.28
C GLU B 72 -4.53 12.68 -9.99
N VAL B 73 -4.10 11.42 -10.11
CA VAL B 73 -3.92 10.48 -8.96
C VAL B 73 -2.87 11.07 -8.01
N SER B 74 -1.75 11.57 -8.54
CA SER B 74 -0.65 12.20 -7.77
C SER B 74 -1.19 13.32 -6.89
N GLU B 75 -1.92 14.26 -7.50
CA GLU B 75 -2.52 15.44 -6.80
C GLU B 75 -3.49 14.97 -5.71
N GLU B 76 -4.21 13.88 -5.96
CA GLU B 76 -5.19 13.28 -5.00
C GLU B 76 -4.47 12.47 -3.91
N ASN B 77 -3.18 12.16 -4.05
CA ASN B 77 -2.44 11.29 -3.11
C ASN B 77 -1.09 11.93 -2.72
N HIS B 78 -1.13 13.16 -2.19
CA HIS B 78 0.02 13.89 -1.60
C HIS B 78 1.21 13.84 -2.56
N ASN B 79 0.98 14.23 -3.82
N ASN B 79 0.97 14.16 -3.83
CA ASN B 79 1.97 14.28 -4.94
CA ASN B 79 2.01 14.29 -4.90
C ASN B 79 2.76 12.97 -5.02
C ASN B 79 2.76 12.98 -5.06
N HIS B 80 2.06 11.84 -5.03
CA HIS B 80 2.66 10.49 -5.20
C HIS B 80 1.72 9.55 -5.96
N ALA B 81 2.13 9.16 -7.18
CA ALA B 81 1.39 8.28 -8.11
C ALA B 81 1.31 6.86 -7.53
N ASN B 82 2.34 6.43 -6.80
CA ASN B 82 2.52 5.04 -6.33
C ASN B 82 2.57 4.12 -7.57
N GLU B 83 3.48 4.45 -8.50
CA GLU B 83 3.67 3.72 -9.78
C GLU B 83 4.45 2.43 -9.49
N ARG B 84 3.99 1.33 -10.09
CA ARG B 84 4.59 -0.03 -9.95
C ARG B 84 4.68 -0.67 -11.33
N MET B 85 5.77 -1.38 -11.62
CA MET B 85 5.91 -2.21 -12.84
C MET B 85 5.38 -3.62 -12.50
N LEU B 86 4.19 -3.96 -13.00
CA LEU B 86 3.48 -5.21 -12.66
C LEU B 86 3.16 -6.00 -13.94
N PHE B 87 3.15 -7.33 -13.82
CA PHE B 87 2.78 -8.28 -14.89
C PHE B 87 1.25 -8.35 -14.99
N HIS B 88 0.75 -8.43 -16.21
CA HIS B 88 -0.70 -8.59 -16.53
C HIS B 88 -0.89 -9.78 -17.48
N GLY B 89 -1.78 -10.70 -17.10
CA GLY B 89 -2.24 -11.82 -17.95
C GLY B 89 -3.75 -11.80 -18.12
N SER B 90 -4.22 -11.84 -19.37
CA SER B 90 -5.66 -11.90 -19.75
C SER B 90 -5.78 -12.30 -21.21
N PRO B 91 -6.92 -12.88 -21.65
CA PRO B 91 -7.11 -13.22 -23.07
C PRO B 91 -7.33 -12.02 -24.02
N PHE B 92 -7.10 -10.78 -23.58
CA PHE B 92 -7.38 -9.54 -24.36
C PHE B 92 -6.10 -8.78 -24.68
N VAL B 93 -4.94 -9.41 -24.56
CA VAL B 93 -3.60 -8.74 -24.65
C VAL B 93 -3.44 -8.05 -26.02
N ASN B 94 -3.83 -8.71 -27.11
N ASN B 94 -3.85 -8.73 -27.09
CA ASN B 94 -3.66 -8.20 -28.49
CA ASN B 94 -3.73 -8.28 -28.50
C ASN B 94 -4.53 -6.95 -28.69
C ASN B 94 -4.55 -7.00 -28.71
N ALA B 95 -5.71 -6.90 -28.06
CA ALA B 95 -6.62 -5.73 -28.12
C ALA B 95 -6.02 -4.60 -27.26
N ILE B 96 -5.51 -4.95 -26.08
CA ILE B 96 -4.99 -3.99 -25.04
C ILE B 96 -3.88 -3.12 -25.64
N ILE B 97 -2.97 -3.70 -26.43
CA ILE B 97 -1.79 -2.99 -26.98
C ILE B 97 -2.23 -1.97 -28.03
N HIS B 98 -3.43 -2.12 -28.58
CA HIS B 98 -4.01 -1.23 -29.64
C HIS B 98 -5.00 -0.23 -29.03
N LYS B 99 -5.90 -0.70 -28.17
CA LYS B 99 -7.04 0.09 -27.64
C LYS B 99 -6.71 0.69 -26.26
N GLY B 100 -5.73 0.13 -25.55
CA GLY B 100 -5.46 0.41 -24.12
C GLY B 100 -6.31 -0.47 -23.22
N PHE B 101 -6.01 -0.47 -21.91
CA PHE B 101 -6.76 -1.23 -20.88
C PHE B 101 -8.17 -0.66 -20.77
N ASP B 102 -9.18 -1.53 -20.61
CA ASP B 102 -10.61 -1.17 -20.66
C ASP B 102 -11.36 -1.92 -19.57
N GLU B 103 -11.71 -1.21 -18.48
CA GLU B 103 -12.41 -1.77 -17.29
C GLU B 103 -13.78 -2.35 -17.70
N ARG B 104 -14.31 -1.95 -18.86
CA ARG B 104 -15.64 -2.37 -19.37
C ARG B 104 -15.67 -3.88 -19.63
N HIS B 105 -14.50 -4.49 -19.89
CA HIS B 105 -14.35 -5.94 -20.22
C HIS B 105 -13.96 -6.74 -18.97
N ALA B 106 -14.01 -6.12 -17.79
CA ALA B 106 -13.69 -6.75 -16.48
C ALA B 106 -14.73 -7.82 -16.14
N TYR B 107 -14.33 -8.82 -15.36
CA TYR B 107 -15.18 -9.93 -14.84
C TYR B 107 -15.89 -9.46 -13.57
N ILE B 108 -17.22 -9.33 -13.64
CA ILE B 108 -18.11 -8.74 -12.59
C ILE B 108 -17.98 -9.52 -11.27
N GLY B 109 -17.67 -10.82 -11.34
CA GLY B 109 -17.66 -11.73 -10.18
C GLY B 109 -16.26 -12.04 -9.64
N GLY B 110 -15.27 -11.19 -9.96
CA GLY B 110 -13.88 -11.34 -9.46
C GLY B 110 -13.81 -11.27 -7.94
N MET B 111 -12.73 -11.78 -7.34
CA MET B 111 -12.54 -11.85 -5.86
C MET B 111 -12.50 -10.44 -5.28
N PHE B 112 -11.87 -9.50 -5.98
CA PHE B 112 -11.79 -8.05 -5.62
C PHE B 112 -12.66 -7.24 -6.57
N GLY B 113 -13.74 -7.84 -7.09
CA GLY B 113 -14.75 -7.18 -7.93
C GLY B 113 -14.28 -6.98 -9.37
N ALA B 114 -15.03 -6.19 -10.13
CA ALA B 114 -14.84 -5.96 -11.59
C ALA B 114 -13.76 -4.89 -11.79
N GLY B 115 -12.49 -5.27 -11.61
CA GLY B 115 -11.31 -4.44 -11.93
C GLY B 115 -10.40 -5.15 -12.91
N ILE B 116 -9.29 -4.50 -13.27
CA ILE B 116 -8.19 -5.07 -14.10
C ILE B 116 -7.07 -5.52 -13.16
N TYR B 117 -6.75 -6.82 -13.14
CA TYR B 117 -5.83 -7.46 -12.16
C TYR B 117 -4.41 -7.42 -12.70
N PHE B 118 -3.45 -7.15 -11.81
CA PHE B 118 -1.98 -7.15 -12.05
C PHE B 118 -1.30 -7.91 -10.93
N ALA B 119 -0.10 -8.44 -11.17
CA ALA B 119 0.74 -9.16 -10.19
C ALA B 119 2.18 -8.68 -10.30
N GLU B 120 2.92 -8.74 -9.18
CA GLU B 120 4.39 -8.53 -9.11
C GLU B 120 5.10 -9.87 -9.42
N ASN B 121 4.34 -10.97 -9.44
CA ASN B 121 4.82 -12.34 -9.80
C ASN B 121 4.34 -12.69 -11.21
N SER B 122 5.28 -12.77 -12.16
CA SER B 122 5.06 -13.17 -13.58
C SER B 122 4.25 -14.48 -13.64
N SER B 123 4.62 -15.46 -12.80
CA SER B 123 4.01 -16.82 -12.78
C SER B 123 2.53 -16.75 -12.36
N LYS B 124 2.12 -15.71 -11.64
CA LYS B 124 0.70 -15.54 -11.22
C LYS B 124 -0.12 -15.05 -12.41
N SER B 125 0.35 -14.01 -13.11
CA SER B 125 -0.25 -13.45 -14.35
C SER B 125 -0.36 -14.55 -15.42
N ASN B 126 0.61 -15.47 -15.45
CA ASN B 126 0.71 -16.58 -16.42
C ASN B 126 -0.53 -17.49 -16.31
N GLN B 127 -1.17 -17.52 -15.15
CA GLN B 127 -2.35 -18.38 -14.87
C GLN B 127 -3.59 -17.87 -15.61
N TYR B 128 -3.64 -16.58 -15.97
CA TYR B 128 -4.86 -15.88 -16.46
C TYR B 128 -4.79 -15.66 -17.97
N VAL B 129 -3.78 -16.18 -18.65
CA VAL B 129 -3.49 -15.86 -20.09
C VAL B 129 -4.63 -16.38 -20.98
N TYR B 130 -5.13 -17.59 -20.70
CA TYR B 130 -6.19 -18.26 -21.51
C TYR B 130 -7.56 -18.13 -20.80
N GLY B 131 -7.56 -17.76 -19.52
CA GLY B 131 -8.78 -17.49 -18.73
C GLY B 131 -8.58 -17.77 -17.26
N ILE B 132 -9.67 -17.95 -16.50
CA ILE B 132 -9.67 -18.18 -15.03
C ILE B 132 -9.56 -19.70 -14.77
N SER B 145 -0.83 -25.14 -19.03
CA SER B 145 -1.04 -26.60 -19.18
C SER B 145 0.05 -27.20 -20.07
N CYS B 146 0.12 -26.77 -21.35
CA CYS B 146 1.06 -27.30 -22.38
C CYS B 146 2.26 -26.35 -22.54
N TYR B 147 3.42 -26.89 -22.95
CA TYR B 147 4.70 -26.17 -23.14
C TYR B 147 4.89 -25.76 -24.61
N ILE B 148 3.89 -26.03 -25.46
CA ILE B 148 4.00 -25.89 -26.95
C ILE B 148 3.55 -24.48 -27.33
N CYS B 149 2.30 -24.13 -27.03
CA CYS B 149 1.63 -22.86 -27.46
C CYS B 149 2.43 -21.66 -26.97
N HIS B 150 2.44 -20.56 -27.74
CA HIS B 150 3.17 -19.30 -27.46
C HIS B 150 2.27 -18.36 -26.65
N ARG B 151 2.62 -18.14 -25.38
CA ARG B 151 1.88 -17.26 -24.44
C ARG B 151 2.36 -15.82 -24.64
N GLN B 152 1.56 -14.86 -24.15
CA GLN B 152 1.89 -13.41 -24.11
C GLN B 152 1.43 -12.82 -22.77
N LEU B 153 2.37 -12.22 -22.03
CA LEU B 153 2.08 -11.35 -20.86
C LEU B 153 2.40 -9.91 -21.24
N LEU B 154 1.89 -8.96 -20.46
CA LEU B 154 2.26 -7.52 -20.54
C LEU B 154 2.99 -7.13 -19.25
N PHE B 155 4.08 -6.37 -19.38
CA PHE B 155 4.82 -5.74 -18.26
C PHE B 155 4.50 -4.25 -18.32
N CYS B 156 3.67 -3.77 -17.39
CA CYS B 156 2.95 -2.47 -17.47
C CYS B 156 3.45 -1.50 -16.38
N ARG B 157 3.44 -0.20 -16.70
CA ARG B 157 3.39 0.90 -15.70
C ARG B 157 1.94 0.99 -15.19
N VAL B 158 1.73 0.64 -13.93
CA VAL B 158 0.41 0.69 -13.24
C VAL B 158 0.49 1.78 -12.16
N THR B 159 -0.43 2.76 -12.21
CA THR B 159 -0.62 3.81 -11.18
C THR B 159 -1.59 3.30 -10.11
N LEU B 160 -1.11 3.02 -8.89
CA LEU B 160 -1.89 2.42 -7.78
C LEU B 160 -2.49 3.51 -6.88
N GLY B 161 -1.83 4.66 -6.78
CA GLY B 161 -2.22 5.78 -5.91
C GLY B 161 -2.38 5.33 -4.46
N LYS B 162 -3.39 5.88 -3.76
CA LYS B 162 -3.84 5.39 -2.44
C LYS B 162 -4.47 4.02 -2.64
N SER B 163 -3.74 2.95 -2.31
CA SER B 163 -4.16 1.54 -2.50
C SER B 163 -4.75 1.02 -1.19
N PHE B 164 -6.04 0.70 -1.20
CA PHE B 164 -6.76 0.02 -0.10
C PHE B 164 -6.27 -1.43 0.00
N LEU B 165 -6.00 -1.91 1.21
CA LEU B 165 -5.65 -3.34 1.47
C LEU B 165 -6.95 -4.08 1.82
N GLN B 166 -7.39 -4.99 0.94
CA GLN B 166 -8.66 -5.75 1.09
C GLN B 166 -8.35 -7.23 1.35
N PHE B 167 -9.25 -7.93 2.04
CA PHE B 167 -9.10 -9.35 2.47
C PHE B 167 -9.62 -10.27 1.35
N SER B 168 -10.92 -10.17 1.05
CA SER B 168 -11.65 -11.05 0.10
C SER B 168 -12.59 -10.19 -0.77
N LYS B 171 -16.48 -7.82 -4.29
CA LYS B 171 -17.77 -7.68 -5.04
C LYS B 171 -18.11 -6.20 -5.22
N MET B 172 -17.11 -5.35 -5.48
CA MET B 172 -17.29 -3.87 -5.65
C MET B 172 -17.04 -3.49 -7.12
N ALA B 173 -17.64 -2.38 -7.58
CA ALA B 173 -17.60 -1.90 -8.97
C ALA B 173 -16.39 -0.98 -9.17
N HIS B 174 -16.09 -0.12 -8.19
CA HIS B 174 -15.04 0.93 -8.28
C HIS B 174 -14.08 0.85 -7.08
N SER B 175 -13.04 1.67 -7.10
CA SER B 175 -12.09 1.90 -5.98
C SER B 175 -12.88 2.29 -4.73
N PRO B 176 -12.45 1.90 -3.51
CA PRO B 176 -13.05 2.42 -2.28
C PRO B 176 -13.07 3.94 -2.26
N PRO B 177 -14.04 4.57 -1.56
CA PRO B 177 -14.05 6.02 -1.42
C PRO B 177 -12.68 6.53 -0.97
N GLY B 178 -12.14 7.53 -1.68
CA GLY B 178 -10.87 8.20 -1.36
C GLY B 178 -9.64 7.44 -1.85
N HIS B 179 -9.84 6.32 -2.56
CA HIS B 179 -8.76 5.39 -3.00
C HIS B 179 -8.71 5.31 -4.53
N HIS B 180 -7.62 4.77 -5.08
CA HIS B 180 -7.33 4.69 -6.54
C HIS B 180 -7.10 3.24 -7.01
N SER B 181 -6.83 2.31 -6.09
CA SER B 181 -6.57 0.87 -6.40
C SER B 181 -6.88 0.02 -5.17
N VAL B 182 -6.76 -1.31 -5.34
CA VAL B 182 -6.95 -2.32 -4.26
C VAL B 182 -5.74 -3.27 -4.29
N THR B 183 -5.14 -3.53 -3.13
CA THR B 183 -4.08 -4.55 -2.95
C THR B 183 -4.65 -5.70 -2.11
N GLY B 184 -4.48 -6.93 -2.57
CA GLY B 184 -4.85 -8.15 -1.82
C GLY B 184 -3.62 -9.00 -1.56
N ARG B 185 -3.72 -9.96 -0.65
CA ARG B 185 -2.71 -11.05 -0.48
C ARG B 185 -3.45 -12.38 -0.30
N PRO B 186 -4.19 -12.84 -1.33
CA PRO B 186 -4.91 -14.11 -1.26
C PRO B 186 -3.94 -15.31 -1.23
N SER B 187 -4.22 -16.28 -0.36
CA SER B 187 -3.41 -17.51 -0.14
C SER B 187 -3.97 -18.64 -1.02
N VAL B 188 -3.11 -19.25 -1.85
CA VAL B 188 -3.44 -20.40 -2.73
C VAL B 188 -2.75 -21.65 -2.16
N ASN B 189 -3.40 -22.29 -1.18
CA ASN B 189 -2.97 -23.55 -0.52
C ASN B 189 -1.71 -23.30 0.34
N GLY B 190 -1.52 -22.07 0.82
CA GLY B 190 -0.43 -21.71 1.76
C GLY B 190 0.51 -20.66 1.20
N LEU B 191 0.55 -20.46 -0.12
CA LEU B 191 1.42 -19.48 -0.82
C LEU B 191 0.66 -18.17 -1.01
N ALA B 192 1.09 -17.11 -0.31
CA ALA B 192 0.40 -15.81 -0.21
C ALA B 192 1.05 -14.78 -1.14
N LEU B 193 0.59 -14.69 -2.39
CA LEU B 193 1.10 -13.71 -3.40
C LEU B 193 0.18 -12.50 -3.47
N ALA B 194 0.76 -11.31 -3.65
CA ALA B 194 0.07 -10.00 -3.80
C ALA B 194 -0.64 -9.95 -5.16
N GLU B 195 -1.81 -9.33 -5.19
CA GLU B 195 -2.57 -8.97 -6.43
C GLU B 195 -2.95 -7.50 -6.36
N TYR B 196 -2.76 -6.76 -7.45
CA TYR B 196 -3.10 -5.32 -7.58
C TYR B 196 -4.23 -5.18 -8.60
N VAL B 197 -5.23 -4.36 -8.28
CA VAL B 197 -6.48 -4.24 -9.09
C VAL B 197 -6.84 -2.75 -9.21
N ILE B 198 -6.87 -2.24 -10.45
CA ILE B 198 -7.37 -0.88 -10.81
C ILE B 198 -8.77 -1.04 -11.42
N TYR B 199 -9.61 -0.01 -11.28
CA TYR B 199 -11.02 0.01 -11.72
C TYR B 199 -11.22 1.08 -12.80
N ARG B 200 -10.12 1.67 -13.26
CA ARG B 200 -10.08 2.66 -14.37
C ARG B 200 -8.89 2.29 -15.27
N GLY B 201 -9.17 1.91 -16.52
CA GLY B 201 -8.20 1.34 -17.47
C GLY B 201 -7.04 2.28 -17.78
N GLU B 202 -7.24 3.59 -17.61
CA GLU B 202 -6.22 4.62 -17.94
C GLU B 202 -5.13 4.69 -16.84
N GLN B 203 -5.24 3.89 -15.78
CA GLN B 203 -4.22 3.81 -14.68
C GLN B 203 -3.21 2.70 -14.95
N ALA B 204 -3.09 2.21 -16.19
CA ALA B 204 -2.08 1.21 -16.60
C ALA B 204 -1.75 1.38 -18.08
N TYR B 205 -0.45 1.45 -18.41
CA TYR B 205 0.08 1.49 -19.79
C TYR B 205 0.77 0.16 -20.11
N PRO B 206 0.37 -0.57 -21.19
CA PRO B 206 1.03 -1.82 -21.55
C PRO B 206 2.40 -1.57 -22.20
N GLU B 207 3.45 -1.43 -21.39
CA GLU B 207 4.77 -0.91 -21.81
C GLU B 207 5.52 -1.95 -22.65
N TYR B 208 5.57 -3.20 -22.17
CA TYR B 208 6.29 -4.33 -22.83
C TYR B 208 5.34 -5.49 -23.10
N LEU B 209 5.44 -6.07 -24.30
CA LEU B 209 4.74 -7.31 -24.69
C LEU B 209 5.77 -8.45 -24.74
N ILE B 210 5.63 -9.40 -23.83
CA ILE B 210 6.53 -10.59 -23.71
C ILE B 210 5.82 -11.77 -24.38
N THR B 211 6.34 -12.22 -25.52
CA THR B 211 6.00 -13.52 -26.16
C THR B 211 6.95 -14.59 -25.60
N TYR B 212 6.41 -15.66 -25.04
CA TYR B 212 7.17 -16.68 -24.28
C TYR B 212 6.45 -18.02 -24.30
N GLN B 213 7.18 -19.08 -23.93
CA GLN B 213 6.63 -20.40 -23.55
C GLN B 213 7.09 -20.71 -22.12
N ILE B 214 6.30 -21.44 -21.35
CA ILE B 214 6.76 -22.07 -20.09
C ILE B 214 7.67 -23.24 -20.48
N MET B 215 8.89 -23.28 -19.94
CA MET B 215 9.91 -24.32 -20.24
C MET B 215 9.65 -25.55 -19.35
N ARG B 216 9.59 -26.74 -19.96
CA ARG B 216 9.49 -28.04 -19.25
C ARG B 216 10.74 -28.20 -18.38
N PRO B 217 10.59 -28.43 -17.04
CA PRO B 217 11.74 -28.50 -16.15
C PRO B 217 12.61 -29.74 -16.39
N GLU B 218 13.94 -29.56 -16.34
CA GLU B 218 14.97 -30.62 -16.52
C GLU B 218 14.65 -31.43 -17.77
#